data_4IU4
#
_entry.id   4IU4
#
_cell.length_a   88.462
_cell.length_b   88.462
_cell.length_c   113.963
_cell.angle_alpha   90.00
_cell.angle_beta   90.00
_cell.angle_gamma   120.00
#
_symmetry.space_group_name_H-M   'H 3'
#
loop_
_entity.id
_entity.type
_entity.pdbx_description
1 polymer Arginase
2 non-polymer 'MANGANESE (II) ION'
3 non-polymer GLYCEROL
4 non-polymer BETA-MERCAPTOETHANOL
5 non-polymer S-2-(BORONOETHYL)-L-CYSTEINE
6 water water
#
_entity_poly.entity_id   1
_entity_poly.type   'polypeptide(L)'
_entity_poly.pdbx_seq_one_letter_code
;MRGSHHHHHHGMAKKMSIVLAPFSGGQPHSGVELGPDYLLKQGLQQDMEKLGWDTRLERVFDGKVVEARKASDNGDRIGR
VKRPRLTAECTEKIYKCVRRVAEQGRFPLTIGGDHSIALGTVAGVLSVHPDAGVIWVDAHADINTMSGTVSGNLHGCPLS
ILLGLDRENIPECFSWVPQVLKPNKIAYIGLRAVDDEEKKILHDLNIAAFSMHHVDRYGIDKVVSMAIEAVSPKGTEPVM
VSYDVDTIDPLYVPATGTPVRGGLSFREALFLCERIAECGRLVALDVVECNPLLAATESHVNDTISVGCAIARCMMGETL
LYTPHTSSKL
;
_entity_poly.pdbx_strand_id   A
#
# COMPACT_ATOMS: atom_id res chain seq x y z
N LYS A 14 12.86 17.15 -9.43
CA LYS A 14 12.43 15.76 -9.74
C LYS A 14 13.34 14.74 -9.05
N LYS A 15 13.25 14.71 -7.72
CA LYS A 15 14.05 13.78 -6.91
C LYS A 15 13.14 12.72 -6.31
N MET A 16 13.65 11.50 -6.22
CA MET A 16 12.88 10.40 -5.68
C MET A 16 13.72 9.52 -4.77
N SER A 17 13.07 8.96 -3.75
CA SER A 17 13.73 8.05 -2.83
C SER A 17 12.91 6.77 -2.79
N ILE A 18 13.53 5.67 -3.21
CA ILE A 18 12.85 4.38 -3.18
C ILE A 18 13.05 3.82 -1.78
N VAL A 19 12.02 3.93 -0.96
CA VAL A 19 12.09 3.45 0.41
C VAL A 19 11.90 1.93 0.46
N LEU A 20 12.93 1.21 0.88
CA LEU A 20 12.85 -0.24 0.95
C LEU A 20 12.27 -0.68 2.28
N ALA A 21 11.12 -1.35 2.26
CA ALA A 21 10.48 -1.80 3.48
C ALA A 21 10.16 -3.29 3.44
N PRO A 22 11.18 -4.14 3.57
CA PRO A 22 11.06 -5.60 3.55
C PRO A 22 10.50 -6.13 4.87
N PHE A 23 9.20 -5.94 5.07
CA PHE A 23 8.53 -6.37 6.29
C PHE A 23 7.44 -7.39 5.99
N SER A 24 7.34 -8.44 6.81
CA SER A 24 6.33 -9.48 6.63
C SER A 24 5.58 -9.77 7.93
N GLY A 25 5.86 -8.97 8.96
CA GLY A 25 5.22 -9.16 10.25
C GLY A 25 3.74 -8.85 10.28
N GLY A 26 3.22 -8.27 9.21
CA GLY A 26 1.79 -7.95 9.18
C GLY A 26 0.93 -9.11 8.71
N GLN A 27 1.57 -10.22 8.40
CA GLN A 27 0.89 -11.41 7.92
C GLN A 27 1.72 -12.68 8.16
N PRO A 28 1.12 -13.86 7.93
CA PRO A 28 1.80 -15.15 8.12
C PRO A 28 2.93 -15.62 7.18
N HIS A 29 2.75 -15.47 5.88
CA HIS A 29 3.77 -15.93 4.91
C HIS A 29 5.02 -15.06 4.82
N SER A 30 6.18 -15.72 4.83
CA SER A 30 7.47 -15.03 4.82
C SER A 30 8.05 -14.39 3.55
N GLY A 31 7.75 -14.94 2.38
CA GLY A 31 8.33 -14.38 1.17
C GLY A 31 8.14 -12.89 0.83
N VAL A 32 7.07 -12.28 1.34
CA VAL A 32 6.77 -10.88 1.05
C VAL A 32 7.85 -9.85 1.36
N GLU A 33 8.74 -10.16 2.29
CA GLU A 33 9.80 -9.21 2.63
C GLU A 33 10.92 -9.19 1.58
N LEU A 34 10.82 -10.09 0.61
CA LEU A 34 11.80 -10.19 -0.48
C LEU A 34 11.36 -9.30 -1.64
N GLY A 35 10.16 -8.73 -1.54
CA GLY A 35 9.66 -7.88 -2.59
C GLY A 35 10.62 -6.78 -3.03
N PRO A 36 11.06 -5.91 -2.11
CA PRO A 36 11.98 -4.82 -2.45
C PRO A 36 13.17 -5.24 -3.31
N ASP A 37 13.77 -6.37 -2.95
CA ASP A 37 14.93 -6.87 -3.68
C ASP A 37 14.59 -7.36 -5.07
N TYR A 38 13.45 -8.05 -5.18
CA TYR A 38 13.02 -8.54 -6.47
C TYR A 38 12.72 -7.39 -7.44
N LEU A 39 12.02 -6.37 -6.96
CA LEU A 39 11.70 -5.22 -7.81
C LEU A 39 13.01 -4.60 -8.28
N LEU A 40 13.92 -4.34 -7.36
CA LEU A 40 15.19 -3.73 -7.71
C LEU A 40 15.99 -4.59 -8.68
N LYS A 41 15.88 -5.91 -8.55
CA LYS A 41 16.60 -6.81 -9.46
C LYS A 41 16.01 -6.67 -10.87
N GLN A 42 14.70 -6.40 -10.94
CA GLN A 42 14.03 -6.22 -12.23
C GLN A 42 14.45 -4.89 -12.87
N GLY A 43 15.17 -4.07 -12.10
CA GLY A 43 15.63 -2.79 -12.61
C GLY A 43 14.76 -1.60 -12.27
N LEU A 44 14.02 -1.71 -11.17
CA LEU A 44 13.14 -0.63 -10.73
C LEU A 44 13.83 0.74 -10.70
N GLN A 45 15.02 0.82 -10.11
CA GLN A 45 15.70 2.09 -10.02
C GLN A 45 16.14 2.61 -11.39
N GLN A 46 16.63 1.71 -12.25
CA GLN A 46 17.04 2.11 -13.60
C GLN A 46 15.84 2.65 -14.39
N ASP A 47 14.67 2.07 -14.17
CA ASP A 47 13.44 2.50 -14.84
C ASP A 47 13.09 3.92 -14.40
N MET A 48 13.16 4.18 -13.11
CA MET A 48 12.82 5.48 -12.56
C MET A 48 13.78 6.55 -13.05
N GLU A 49 15.07 6.21 -13.10
CA GLU A 49 16.07 7.16 -13.58
C GLU A 49 15.85 7.37 -15.08
N LYS A 50 15.50 6.28 -15.76
CA LYS A 50 15.22 6.30 -17.19
C LYS A 50 14.04 7.24 -17.45
N LEU A 51 13.18 7.39 -16.46
CA LEU A 51 12.04 8.27 -16.57
C LEU A 51 12.42 9.69 -16.15
N GLY A 52 13.71 9.92 -15.93
CA GLY A 52 14.18 11.24 -15.55
C GLY A 52 14.21 11.56 -14.07
N TRP A 53 14.01 10.54 -13.24
CA TRP A 53 14.01 10.75 -11.80
C TRP A 53 15.37 10.59 -11.18
N ASP A 54 15.77 11.57 -10.39
CA ASP A 54 17.04 11.47 -9.68
C ASP A 54 16.62 10.62 -8.49
N THR A 55 17.07 9.37 -8.47
CA THR A 55 16.67 8.47 -7.39
C THR A 55 17.79 8.08 -6.46
N ARG A 56 17.40 7.56 -5.31
CA ARG A 56 18.34 7.09 -4.29
C ARG A 56 17.57 6.08 -3.47
N LEU A 57 18.26 5.06 -2.96
CA LEU A 57 17.63 4.03 -2.15
C LEU A 57 17.70 4.39 -0.67
N GLU A 58 16.69 3.98 0.09
CA GLU A 58 16.63 4.23 1.53
C GLU A 58 16.29 2.91 2.23
N ARG A 59 17.27 2.30 2.88
CA ARG A 59 17.03 1.03 3.58
C ARG A 59 16.62 1.34 5.01
N VAL A 60 15.37 1.03 5.35
CA VAL A 60 14.85 1.31 6.69
C VAL A 60 15.32 0.31 7.75
N PHE A 61 15.53 -0.93 7.34
CA PHE A 61 15.99 -1.97 8.26
C PHE A 61 16.32 -3.24 7.47
N ASP A 62 17.13 -4.11 8.05
CA ASP A 62 17.50 -5.36 7.37
C ASP A 62 16.35 -6.36 7.42
N GLY A 63 15.92 -6.83 6.26
CA GLY A 63 14.82 -7.77 6.18
C GLY A 63 15.04 -9.14 6.80
N LYS A 64 16.28 -9.62 6.74
CA LYS A 64 16.61 -10.94 7.29
C LYS A 64 16.59 -10.90 8.82
N VAL A 65 17.17 -9.84 9.37
CA VAL A 65 17.21 -9.66 10.82
C VAL A 65 15.78 -9.56 11.34
N VAL A 66 14.96 -8.81 10.61
CA VAL A 66 13.56 -8.64 10.97
C VAL A 66 12.77 -9.96 10.85
N GLU A 67 13.01 -10.71 9.78
CA GLU A 67 12.31 -11.97 9.59
C GLU A 67 12.78 -13.01 10.60
N ALA A 68 14.04 -12.91 11.01
CA ALA A 68 14.58 -13.84 11.98
C ALA A 68 13.76 -13.74 13.25
N ARG A 69 13.52 -12.50 13.69
CA ARG A 69 12.73 -12.24 14.90
C ARG A 69 11.24 -12.50 14.65
N LYS A 70 10.81 -12.27 13.42
CA LYS A 70 9.41 -12.47 13.04
C LYS A 70 8.96 -13.93 13.13
N ALA A 71 9.71 -14.81 12.46
CA ALA A 71 9.38 -16.23 12.44
C ALA A 71 9.60 -16.96 13.77
N SER A 72 10.37 -16.36 14.67
CA SER A 72 10.66 -17.01 15.95
C SER A 72 9.80 -16.55 17.13
N ASP A 73 9.57 -15.24 17.22
CA ASP A 73 8.81 -14.67 18.34
C ASP A 73 7.28 -14.80 18.31
N ASN A 74 6.77 -16.02 18.51
CA ASN A 74 5.32 -16.23 18.51
C ASN A 74 4.64 -15.55 19.70
N GLY A 75 5.42 -15.26 20.74
CA GLY A 75 4.90 -14.61 21.93
C GLY A 75 4.47 -13.17 21.72
N ASP A 76 4.85 -12.61 20.58
CA ASP A 76 4.49 -11.24 20.24
C ASP A 76 3.03 -11.28 19.80
N ARG A 77 2.12 -11.08 20.75
CA ARG A 77 0.69 -11.10 20.46
C ARG A 77 -0.10 -10.27 21.46
N ILE A 78 -1.35 -10.02 21.13
CA ILE A 78 -2.27 -9.29 22.00
C ILE A 78 -3.66 -9.78 21.61
N GLY A 79 -4.00 -10.96 22.14
CA GLY A 79 -5.28 -11.56 21.83
C GLY A 79 -5.15 -12.25 20.49
N ARG A 80 -6.00 -11.87 19.55
CA ARG A 80 -5.97 -12.45 18.22
C ARG A 80 -4.89 -11.78 17.39
N VAL A 81 -4.57 -10.53 17.74
CA VAL A 81 -3.56 -9.74 17.04
C VAL A 81 -2.15 -10.32 17.13
N LYS A 82 -1.56 -10.55 15.98
CA LYS A 82 -0.22 -11.13 15.90
C LYS A 82 0.87 -10.07 15.65
N ARG A 83 1.97 -10.20 16.37
CA ARG A 83 3.11 -9.32 16.24
C ARG A 83 2.83 -7.82 16.31
N PRO A 84 2.09 -7.36 17.33
CA PRO A 84 1.80 -5.94 17.44
C PRO A 84 3.05 -5.14 17.79
N ARG A 85 3.91 -5.73 18.63
CA ARG A 85 5.14 -5.06 19.03
C ARG A 85 6.08 -4.85 17.84
N LEU A 86 6.49 -5.95 17.22
CA LEU A 86 7.36 -5.88 16.05
C LEU A 86 6.80 -4.96 14.97
N THR A 87 5.50 -5.07 14.72
CA THR A 87 4.86 -4.25 13.69
C THR A 87 4.90 -2.78 14.09
N ALA A 88 4.63 -2.50 15.36
CA ALA A 88 4.65 -1.11 15.84
C ALA A 88 6.05 -0.49 15.70
N GLU A 89 7.07 -1.26 16.03
CA GLU A 89 8.46 -0.81 15.96
C GLU A 89 8.94 -0.54 14.54
N CYS A 90 8.83 -1.56 13.68
CA CYS A 90 9.26 -1.44 12.29
C CYS A 90 8.47 -0.37 11.54
N THR A 91 7.17 -0.30 11.83
CA THR A 91 6.29 0.68 11.19
C THR A 91 6.64 2.11 11.60
N GLU A 92 7.07 2.30 12.86
CA GLU A 92 7.45 3.64 13.29
C GLU A 92 8.69 4.08 12.53
N LYS A 93 9.59 3.12 12.25
CA LYS A 93 10.80 3.43 11.51
C LYS A 93 10.50 3.86 10.07
N ILE A 94 9.55 3.16 9.44
CA ILE A 94 9.17 3.50 8.07
C ILE A 94 8.56 4.89 8.09
N TYR A 95 7.81 5.19 9.15
CA TYR A 95 7.18 6.50 9.31
C TYR A 95 8.25 7.59 9.35
N LYS A 96 9.28 7.37 10.16
CA LYS A 96 10.37 8.33 10.29
C LYS A 96 11.11 8.49 8.96
N CYS A 97 11.36 7.38 8.28
CA CYS A 97 12.05 7.45 7.02
C CYS A 97 11.24 8.19 5.97
N VAL A 98 9.98 7.78 5.79
CA VAL A 98 9.12 8.41 4.79
C VAL A 98 8.89 9.89 5.10
N ARG A 99 8.71 10.21 6.37
CA ARG A 99 8.51 11.60 6.79
C ARG A 99 9.72 12.43 6.37
N ARG A 100 10.91 11.89 6.62
CA ARG A 100 12.19 12.52 6.29
C ARG A 100 12.33 12.73 4.78
N VAL A 101 12.06 11.69 3.99
CA VAL A 101 12.16 11.77 2.54
C VAL A 101 11.27 12.88 1.99
N ALA A 102 10.04 12.99 2.49
CA ALA A 102 9.09 13.99 2.03
C ALA A 102 9.51 15.39 2.45
N GLU A 103 10.12 15.52 3.62
CA GLU A 103 10.57 16.83 4.10
C GLU A 103 11.76 17.28 3.26
N GLN A 104 12.55 16.33 2.77
CA GLN A 104 13.71 16.65 1.96
C GLN A 104 13.25 17.04 0.54
N GLY A 105 11.93 17.05 0.34
CA GLY A 105 11.38 17.42 -0.95
C GLY A 105 11.45 16.35 -2.03
N ARG A 106 11.69 15.10 -1.63
CA ARG A 106 11.78 13.99 -2.58
C ARG A 106 10.48 13.18 -2.58
N PHE A 107 10.22 12.50 -3.69
CA PHE A 107 9.02 11.66 -3.83
C PHE A 107 9.34 10.29 -3.20
N PRO A 108 8.56 9.89 -2.16
CA PRO A 108 8.85 8.59 -1.57
C PRO A 108 8.06 7.45 -2.21
N LEU A 109 8.77 6.57 -2.90
CA LEU A 109 8.17 5.40 -3.53
C LEU A 109 8.59 4.22 -2.65
N THR A 110 7.66 3.78 -1.80
CA THR A 110 7.93 2.69 -0.87
C THR A 110 7.52 1.33 -1.42
N ILE A 111 8.45 0.37 -1.34
CA ILE A 111 8.20 -1.00 -1.81
C ILE A 111 8.14 -1.94 -0.61
N GLY A 112 7.05 -2.71 -0.51
CA GLY A 112 6.91 -3.65 0.60
C GLY A 112 7.30 -5.05 0.16
N GLY A 113 7.12 -6.04 1.03
CA GLY A 113 6.54 -5.81 2.35
C GLY A 113 5.03 -5.93 2.30
N ASP A 114 4.42 -6.40 3.39
CA ASP A 114 2.97 -6.54 3.43
C ASP A 114 2.41 -5.15 3.65
N HIS A 115 1.09 -5.01 3.54
CA HIS A 115 0.47 -3.71 3.67
C HIS A 115 0.46 -3.03 5.02
N SER A 116 1.00 -3.68 6.05
CA SER A 116 1.04 -3.04 7.36
C SER A 116 2.03 -1.88 7.33
N ILE A 117 2.91 -1.86 6.32
CA ILE A 117 3.89 -0.79 6.20
C ILE A 117 3.23 0.56 5.88
N ALA A 118 2.00 0.52 5.36
CA ALA A 118 1.28 1.74 5.02
C ALA A 118 0.95 2.56 6.27
N LEU A 119 1.11 1.95 7.43
CA LEU A 119 0.86 2.65 8.70
C LEU A 119 1.93 3.75 8.83
N GLY A 120 3.13 3.43 8.36
CA GLY A 120 4.23 4.37 8.40
C GLY A 120 4.29 5.27 7.17
N THR A 121 4.00 4.72 6.00
CA THR A 121 4.03 5.53 4.78
C THR A 121 2.99 6.63 4.79
N VAL A 122 1.72 6.28 4.98
CA VAL A 122 0.66 7.27 5.00
C VAL A 122 0.87 8.29 6.13
N ALA A 123 1.33 7.80 7.28
CA ALA A 123 1.59 8.67 8.43
C ALA A 123 2.69 9.65 8.06
N GLY A 124 3.75 9.14 7.44
CA GLY A 124 4.87 9.99 7.03
C GLY A 124 4.50 11.05 6.02
N VAL A 125 3.77 10.65 4.99
CA VAL A 125 3.35 11.57 3.92
C VAL A 125 2.37 12.65 4.38
N LEU A 126 1.31 12.24 5.10
CA LEU A 126 0.29 13.16 5.60
C LEU A 126 0.87 14.11 6.66
N SER A 127 2.00 13.73 7.26
CA SER A 127 2.64 14.56 8.26
C SER A 127 3.30 15.75 7.58
N VAL A 128 3.68 15.58 6.33
CA VAL A 128 4.30 16.66 5.56
C VAL A 128 3.23 17.32 4.68
N HIS A 129 2.31 16.51 4.18
CA HIS A 129 1.20 16.97 3.34
C HIS A 129 -0.11 16.63 4.01
N PRO A 130 -0.51 17.43 5.01
CA PRO A 130 -1.76 17.21 5.75
C PRO A 130 -3.04 17.22 4.91
N ASP A 131 -3.00 17.88 3.76
CA ASP A 131 -4.17 17.95 2.88
C ASP A 131 -4.18 16.82 1.84
N ALA A 132 -3.15 15.97 1.89
CA ALA A 132 -3.03 14.87 0.93
C ALA A 132 -4.16 13.86 1.00
N GLY A 133 -4.65 13.48 -0.17
CA GLY A 133 -5.71 12.49 -0.24
C GLY A 133 -5.05 11.13 -0.40
N VAL A 134 -5.77 10.07 -0.02
CA VAL A 134 -5.23 8.72 -0.13
C VAL A 134 -6.13 7.80 -0.94
N ILE A 135 -5.56 7.21 -1.99
CA ILE A 135 -6.31 6.27 -2.82
C ILE A 135 -5.75 4.88 -2.50
N TRP A 136 -6.58 4.05 -1.89
CA TRP A 136 -6.18 2.71 -1.49
C TRP A 136 -6.65 1.69 -2.52
N VAL A 137 -5.72 1.24 -3.37
CA VAL A 137 -6.02 0.26 -4.41
C VAL A 137 -5.84 -1.12 -3.77
N ASP A 138 -6.94 -1.82 -3.58
CA ASP A 138 -6.86 -3.10 -2.89
C ASP A 138 -8.12 -3.92 -3.10
N ALA A 139 -7.99 -5.23 -2.98
CA ALA A 139 -9.14 -6.12 -3.08
C ALA A 139 -9.78 -6.14 -1.70
N HIS A 140 -9.01 -5.69 -0.69
CA HIS A 140 -9.47 -5.67 0.69
C HIS A 140 -9.51 -4.25 1.26
N ALA A 141 -10.31 -4.08 2.31
CA ALA A 141 -10.46 -2.77 2.95
C ALA A 141 -9.35 -2.45 3.96
N ASP A 142 -8.65 -3.47 4.47
CA ASP A 142 -7.55 -3.29 5.42
C ASP A 142 -7.92 -2.33 6.55
N ILE A 143 -9.16 -2.40 7.01
CA ILE A 143 -9.60 -1.48 8.03
C ILE A 143 -10.18 -2.19 9.25
N ASN A 144 -9.83 -3.45 9.43
CA ASN A 144 -10.30 -4.17 10.60
C ASN A 144 -9.73 -3.50 11.83
N THR A 145 -10.49 -3.55 12.92
CA THR A 145 -10.05 -2.95 14.18
C THR A 145 -9.25 -3.96 14.98
N MET A 146 -8.58 -3.48 16.02
CA MET A 146 -7.78 -4.32 16.89
C MET A 146 -8.61 -5.41 17.53
N SER A 147 -9.78 -5.04 18.04
CA SER A 147 -10.67 -5.98 18.69
C SER A 147 -11.66 -6.65 17.72
N GLY A 148 -11.68 -6.20 16.47
CA GLY A 148 -12.58 -6.79 15.49
C GLY A 148 -11.94 -7.77 14.52
N THR A 149 -10.62 -7.69 14.34
CA THR A 149 -9.97 -8.60 13.41
C THR A 149 -10.11 -10.02 13.90
N VAL A 150 -10.37 -10.94 12.97
CA VAL A 150 -10.53 -12.35 13.30
C VAL A 150 -9.20 -13.07 13.12
N SER A 151 -8.49 -12.75 12.04
CA SER A 151 -7.21 -13.37 11.75
C SER A 151 -6.09 -12.80 12.63
N GLY A 152 -6.20 -11.53 12.98
CA GLY A 152 -5.17 -10.92 13.79
C GLY A 152 -3.99 -10.47 12.95
N ASN A 153 -4.10 -10.62 11.64
CA ASN A 153 -3.02 -10.20 10.75
C ASN A 153 -3.11 -8.70 10.56
N LEU A 154 -2.10 -8.00 11.05
CA LEU A 154 -2.06 -6.55 10.99
C LEU A 154 -2.04 -5.89 9.62
N HIS A 155 -1.68 -6.63 8.56
CA HIS A 155 -1.70 -6.00 7.24
C HIS A 155 -3.15 -5.72 6.83
N GLY A 156 -4.10 -6.26 7.58
CA GLY A 156 -5.50 -6.02 7.30
C GLY A 156 -6.13 -5.03 8.27
N CYS A 157 -5.29 -4.31 9.03
CA CYS A 157 -5.77 -3.32 10.02
C CYS A 157 -5.14 -1.91 9.93
N PRO A 158 -4.18 -1.69 9.01
CA PRO A 158 -3.58 -0.35 8.97
C PRO A 158 -4.53 0.83 8.98
N LEU A 159 -5.55 0.80 8.14
CA LEU A 159 -6.46 1.93 8.09
C LEU A 159 -7.25 2.19 9.36
N SER A 160 -7.51 1.15 10.15
CA SER A 160 -8.26 1.38 11.39
C SER A 160 -7.39 2.18 12.35
N ILE A 161 -6.11 1.83 12.42
CA ILE A 161 -5.15 2.51 13.28
C ILE A 161 -4.87 3.92 12.80
N LEU A 162 -4.75 4.09 11.48
CA LEU A 162 -4.49 5.40 10.90
C LEU A 162 -5.66 6.35 11.12
N LEU A 163 -6.87 5.81 11.08
CA LEU A 163 -8.08 6.60 11.27
C LEU A 163 -8.42 6.79 12.74
N GLY A 164 -7.75 6.05 13.62
CA GLY A 164 -8.02 6.17 15.04
C GLY A 164 -9.32 5.53 15.46
N LEU A 165 -9.65 4.41 14.82
CA LEU A 165 -10.88 3.71 15.14
C LEU A 165 -10.62 2.73 16.27
N ASP A 166 -11.62 2.55 17.13
CA ASP A 166 -11.53 1.64 18.25
C ASP A 166 -10.30 1.99 19.08
N ARG A 167 -10.04 3.29 19.22
CA ARG A 167 -8.88 3.76 19.97
C ARG A 167 -8.90 3.20 21.40
N GLU A 168 -10.09 2.93 21.89
CA GLU A 168 -10.25 2.36 23.23
C GLU A 168 -9.62 0.97 23.33
N ASN A 169 -9.06 0.48 22.23
CA ASN A 169 -8.45 -0.84 22.21
C ASN A 169 -7.08 -0.89 21.52
N ILE A 170 -6.58 0.26 21.10
CA ILE A 170 -5.28 0.28 20.42
C ILE A 170 -4.17 0.32 21.48
N PRO A 171 -3.19 -0.61 21.39
CA PRO A 171 -2.04 -0.75 22.29
C PRO A 171 -1.21 0.52 22.39
N GLU A 172 -0.49 0.65 23.49
CA GLU A 172 0.33 1.84 23.70
C GLU A 172 1.52 1.88 22.73
N CYS A 173 1.97 0.71 22.28
CA CYS A 173 3.10 0.67 21.36
C CYS A 173 2.78 1.32 20.01
N PHE A 174 1.51 1.67 19.82
CA PHE A 174 1.05 2.33 18.59
C PHE A 174 0.72 3.79 18.83
N SER A 175 0.94 4.25 20.05
CA SER A 175 0.64 5.63 20.42
C SER A 175 1.47 6.64 19.63
N TRP A 176 2.50 6.17 18.92
CA TRP A 176 3.34 7.07 18.15
C TRP A 176 2.67 7.53 16.84
N VAL A 177 1.65 6.79 16.41
CA VAL A 177 0.95 7.08 15.16
C VAL A 177 0.18 8.41 15.19
N PRO A 178 0.64 9.40 14.40
CA PRO A 178 -0.04 10.70 14.36
C PRO A 178 -1.42 10.55 13.72
N GLN A 179 -2.40 11.25 14.28
CA GLN A 179 -3.77 11.21 13.78
C GLN A 179 -3.95 12.29 12.72
N VAL A 180 -3.50 11.99 11.50
CA VAL A 180 -3.60 12.95 10.41
C VAL A 180 -4.48 12.54 9.23
N LEU A 181 -4.97 11.30 9.24
CA LEU A 181 -5.84 10.81 8.17
C LEU A 181 -7.29 10.73 8.61
N LYS A 182 -8.15 11.46 7.92
CA LYS A 182 -9.58 11.46 8.21
C LYS A 182 -10.30 10.62 7.15
N PRO A 183 -11.46 10.05 7.50
CA PRO A 183 -12.27 9.21 6.60
C PRO A 183 -12.66 9.80 5.25
N ASN A 184 -12.82 11.12 5.18
CA ASN A 184 -13.19 11.76 3.91
C ASN A 184 -11.95 11.99 3.02
N LYS A 185 -10.80 11.50 3.47
CA LYS A 185 -9.58 11.68 2.69
C LYS A 185 -9.01 10.35 2.19
N ILE A 186 -9.80 9.29 2.26
CA ILE A 186 -9.36 7.99 1.77
C ILE A 186 -10.43 7.43 0.84
N ALA A 187 -10.02 6.93 -0.32
CA ALA A 187 -10.93 6.34 -1.31
C ALA A 187 -10.36 5.00 -1.76
N TYR A 188 -11.20 3.98 -1.79
CA TYR A 188 -10.76 2.65 -2.22
C TYR A 188 -11.07 2.40 -3.68
N ILE A 189 -10.31 1.50 -4.29
CA ILE A 189 -10.54 1.08 -5.67
C ILE A 189 -10.23 -0.41 -5.80
N GLY A 190 -11.19 -1.18 -6.28
CA GLY A 190 -10.99 -2.60 -6.49
C GLY A 190 -11.49 -3.57 -5.44
N LEU A 191 -12.17 -3.08 -4.41
CA LEU A 191 -12.67 -3.92 -3.34
C LEU A 191 -13.56 -5.10 -3.75
N ARG A 192 -13.31 -6.27 -3.17
CA ARG A 192 -14.12 -7.43 -3.47
C ARG A 192 -14.07 -8.49 -2.37
N ALA A 193 -13.31 -8.24 -1.31
CA ALA A 193 -13.19 -9.19 -0.20
C ALA A 193 -13.23 -8.42 1.12
N VAL A 194 -14.33 -7.72 1.35
CA VAL A 194 -14.53 -6.90 2.54
C VAL A 194 -15.22 -7.70 3.66
N ASP A 195 -14.65 -7.69 4.86
CA ASP A 195 -15.25 -8.39 6.00
C ASP A 195 -16.48 -7.62 6.44
N ASP A 196 -17.46 -8.33 6.99
CA ASP A 196 -18.70 -7.69 7.44
C ASP A 196 -18.47 -6.54 8.39
N GLU A 197 -17.49 -6.68 9.28
CA GLU A 197 -17.20 -5.60 10.21
C GLU A 197 -16.70 -4.40 9.43
N GLU A 198 -15.87 -4.66 8.43
CA GLU A 198 -15.31 -3.61 7.60
C GLU A 198 -16.42 -2.92 6.81
N LYS A 199 -17.39 -3.70 6.34
CA LYS A 199 -18.52 -3.15 5.57
C LYS A 199 -19.27 -2.14 6.41
N LYS A 200 -19.61 -2.54 7.63
CA LYS A 200 -20.32 -1.66 8.53
C LYS A 200 -19.52 -0.38 8.71
N ILE A 201 -18.21 -0.51 8.90
CA ILE A 201 -17.32 0.63 9.10
C ILE A 201 -17.29 1.62 7.94
N LEU A 202 -17.09 1.12 6.72
CA LEU A 202 -17.06 1.99 5.55
C LEU A 202 -18.40 2.70 5.44
N HIS A 203 -19.48 2.00 5.77
CA HIS A 203 -20.81 2.60 5.71
C HIS A 203 -21.03 3.69 6.77
N ASP A 204 -20.75 3.36 8.03
CA ASP A 204 -20.92 4.33 9.11
C ASP A 204 -20.06 5.57 8.96
N LEU A 205 -18.87 5.42 8.39
CA LEU A 205 -17.97 6.55 8.21
C LEU A 205 -18.08 7.17 6.83
N ASN A 206 -18.97 6.61 6.01
CA ASN A 206 -19.18 7.10 4.67
C ASN A 206 -17.87 7.27 3.91
N ILE A 207 -17.03 6.23 3.94
CA ILE A 207 -15.76 6.28 3.25
C ILE A 207 -15.98 5.96 1.76
N ALA A 208 -15.39 6.76 0.87
CA ALA A 208 -15.56 6.54 -0.56
C ALA A 208 -14.91 5.21 -0.95
N ALA A 209 -15.75 4.20 -1.22
CA ALA A 209 -15.26 2.87 -1.58
C ALA A 209 -15.82 2.42 -2.92
N PHE A 210 -14.94 2.21 -3.88
CA PHE A 210 -15.35 1.78 -5.20
C PHE A 210 -14.93 0.32 -5.36
N SER A 211 -15.93 -0.57 -5.34
CA SER A 211 -15.70 -2.01 -5.44
C SER A 211 -15.59 -2.45 -6.90
N MET A 212 -15.36 -3.74 -7.12
CA MET A 212 -15.28 -4.26 -8.49
C MET A 212 -16.63 -4.06 -9.14
N HIS A 213 -17.68 -3.90 -8.32
CA HIS A 213 -19.02 -3.67 -8.85
C HIS A 213 -19.02 -2.35 -9.61
N HIS A 214 -18.48 -1.31 -8.99
CA HIS A 214 -18.44 0.00 -9.65
C HIS A 214 -17.55 -0.01 -10.86
N VAL A 215 -16.46 -0.78 -10.83
CA VAL A 215 -15.58 -0.85 -11.98
C VAL A 215 -16.33 -1.54 -13.12
N ASP A 216 -17.04 -2.62 -12.80
CA ASP A 216 -17.81 -3.34 -13.79
C ASP A 216 -18.98 -2.52 -14.28
N ARG A 217 -19.53 -1.71 -13.37
CA ARG A 217 -20.69 -0.91 -13.69
C ARG A 217 -20.40 0.38 -14.45
N TYR A 218 -19.36 1.10 -14.03
CA TYR A 218 -19.00 2.38 -14.64
C TYR A 218 -17.74 2.39 -15.50
N GLY A 219 -16.92 1.36 -15.38
CA GLY A 219 -15.68 1.32 -16.15
C GLY A 219 -14.58 1.91 -15.29
N ILE A 220 -13.35 1.45 -15.49
CA ILE A 220 -12.22 1.92 -14.69
C ILE A 220 -11.98 3.43 -14.77
N ASP A 221 -12.15 4.03 -15.94
CA ASP A 221 -11.89 5.46 -16.04
C ASP A 221 -12.79 6.29 -15.12
N LYS A 222 -14.08 6.04 -15.13
CA LYS A 222 -14.99 6.81 -14.27
C LYS A 222 -14.67 6.57 -12.78
N VAL A 223 -14.31 5.33 -12.44
CA VAL A 223 -13.98 5.00 -11.05
C VAL A 223 -12.75 5.76 -10.58
N VAL A 224 -11.72 5.83 -11.41
CA VAL A 224 -10.51 6.54 -11.02
C VAL A 224 -10.84 8.01 -10.84
N SER A 225 -11.62 8.57 -11.74
CA SER A 225 -12.01 9.96 -11.64
C SER A 225 -12.79 10.24 -10.35
N MET A 226 -13.73 9.36 -10.03
CA MET A 226 -14.51 9.53 -8.81
C MET A 226 -13.65 9.44 -7.57
N ALA A 227 -12.66 8.54 -7.61
CA ALA A 227 -11.74 8.34 -6.48
C ALA A 227 -10.86 9.56 -6.25
N ILE A 228 -10.37 10.16 -7.33
CA ILE A 228 -9.52 11.35 -7.22
C ILE A 228 -10.35 12.50 -6.67
N GLU A 229 -11.58 12.64 -7.17
CA GLU A 229 -12.49 13.71 -6.74
C GLU A 229 -12.90 13.56 -5.29
N ALA A 230 -13.11 12.32 -4.85
CA ALA A 230 -13.51 12.02 -3.48
C ALA A 230 -12.55 12.49 -2.41
N VAL A 231 -11.25 12.49 -2.73
CA VAL A 231 -10.22 12.90 -1.78
C VAL A 231 -9.59 14.25 -2.11
N SER A 232 -10.03 14.86 -3.21
CA SER A 232 -9.50 16.16 -3.64
C SER A 232 -10.62 17.19 -3.77
N PRO A 233 -11.21 17.62 -2.65
CA PRO A 233 -12.30 18.61 -2.68
C PRO A 233 -11.94 19.91 -3.40
N LYS A 234 -10.81 20.51 -3.06
CA LYS A 234 -10.38 21.75 -3.69
C LYS A 234 -9.86 21.49 -5.09
N GLY A 235 -9.69 20.22 -5.44
CA GLY A 235 -9.19 19.88 -6.76
C GLY A 235 -7.72 20.24 -6.93
N THR A 236 -7.04 20.53 -5.82
CA THR A 236 -5.63 20.90 -5.85
C THR A 236 -4.79 20.13 -4.83
N GLU A 237 -5.44 19.31 -4.02
CA GLU A 237 -4.72 18.55 -3.00
C GLU A 237 -3.75 17.53 -3.54
N PRO A 238 -2.69 17.24 -2.77
CA PRO A 238 -1.69 16.26 -3.18
C PRO A 238 -2.37 14.90 -3.08
N VAL A 239 -1.91 13.92 -3.85
CA VAL A 239 -2.51 12.61 -3.77
C VAL A 239 -1.47 11.53 -3.57
N MET A 240 -1.82 10.58 -2.71
CA MET A 240 -0.96 9.46 -2.42
C MET A 240 -1.70 8.17 -2.77
N VAL A 241 -0.98 7.22 -3.34
CA VAL A 241 -1.60 5.94 -3.70
C VAL A 241 -0.89 4.80 -2.99
N SER A 242 -1.65 3.96 -2.29
CA SER A 242 -1.07 2.81 -1.62
C SER A 242 -1.62 1.64 -2.43
N TYR A 243 -0.74 1.03 -3.22
CA TYR A 243 -1.13 -0.04 -4.13
C TYR A 243 -0.83 -1.48 -3.70
N ASP A 244 -1.89 -2.22 -3.35
CA ASP A 244 -1.77 -3.63 -2.96
C ASP A 244 -1.90 -4.39 -4.28
N VAL A 245 -0.90 -5.19 -4.64
CA VAL A 245 -0.96 -5.92 -5.90
C VAL A 245 -2.07 -6.97 -5.98
N ASP A 246 -2.67 -7.37 -4.85
CA ASP A 246 -3.73 -8.37 -4.94
C ASP A 246 -5.04 -7.79 -5.47
N THR A 247 -5.04 -6.51 -5.83
CA THR A 247 -6.23 -5.87 -6.38
C THR A 247 -6.37 -6.40 -7.81
N ILE A 248 -5.24 -6.78 -8.38
CA ILE A 248 -5.16 -7.28 -9.75
C ILE A 248 -5.54 -8.74 -9.73
N ASP A 249 -6.32 -9.19 -10.71
CA ASP A 249 -6.75 -10.59 -10.71
C ASP A 249 -5.57 -11.56 -10.61
N PRO A 250 -5.68 -12.56 -9.72
CA PRO A 250 -4.62 -13.55 -9.54
C PRO A 250 -4.04 -14.14 -10.81
N LEU A 251 -4.76 -14.04 -11.92
CA LEU A 251 -4.21 -14.59 -13.15
C LEU A 251 -3.14 -13.69 -13.77
N TYR A 252 -2.94 -12.51 -13.18
CA TYR A 252 -1.90 -11.59 -13.64
C TYR A 252 -0.88 -11.41 -12.53
N VAL A 253 -1.37 -11.44 -11.29
CA VAL A 253 -0.54 -11.31 -10.10
C VAL A 253 -0.80 -12.52 -9.20
N PRO A 254 -0.26 -13.69 -9.59
CA PRO A 254 -0.42 -14.95 -8.83
C PRO A 254 0.36 -15.04 -7.51
N ALA A 255 1.59 -14.51 -7.52
CA ALA A 255 2.46 -14.54 -6.34
C ALA A 255 2.10 -13.46 -5.32
N THR A 256 1.07 -13.75 -4.52
CA THR A 256 0.62 -12.82 -3.49
C THR A 256 -0.04 -13.64 -2.39
N GLY A 257 -0.03 -13.11 -1.16
CA GLY A 257 -0.58 -13.83 -0.03
C GLY A 257 -2.08 -14.02 0.05
N THR A 258 -2.84 -13.01 -0.34
CA THR A 258 -4.31 -13.07 -0.28
C THR A 258 -4.99 -12.82 -1.63
N PRO A 259 -4.74 -13.68 -2.63
CA PRO A 259 -5.38 -13.49 -3.93
C PRO A 259 -6.90 -13.67 -3.85
N VAL A 260 -7.62 -12.87 -4.63
CA VAL A 260 -9.07 -12.94 -4.67
C VAL A 260 -9.53 -12.90 -6.13
N ARG A 261 -10.33 -13.88 -6.51
CA ARG A 261 -10.85 -13.99 -7.88
C ARG A 261 -11.72 -12.80 -8.28
N GLY A 262 -11.62 -12.42 -9.56
CA GLY A 262 -12.40 -11.31 -10.06
C GLY A 262 -11.81 -9.94 -9.82
N GLY A 263 -10.49 -9.81 -9.98
CA GLY A 263 -9.87 -8.52 -9.78
C GLY A 263 -9.69 -7.71 -11.05
N LEU A 264 -8.90 -6.66 -10.97
CA LEU A 264 -8.62 -5.82 -12.12
C LEU A 264 -7.80 -6.59 -13.14
N SER A 265 -7.95 -6.25 -14.41
CA SER A 265 -7.17 -6.87 -15.44
C SER A 265 -5.82 -6.17 -15.41
N PHE A 266 -4.84 -6.74 -16.09
CA PHE A 266 -3.52 -6.13 -16.17
C PHE A 266 -3.68 -4.70 -16.73
N ARG A 267 -4.51 -4.57 -17.77
CA ARG A 267 -4.75 -3.28 -18.40
C ARG A 267 -5.36 -2.23 -17.46
N GLU A 268 -6.39 -2.59 -16.70
CA GLU A 268 -7.02 -1.66 -15.78
C GLU A 268 -6.05 -1.27 -14.66
N ALA A 269 -5.28 -2.26 -14.21
CA ALA A 269 -4.30 -2.04 -13.16
C ALA A 269 -3.30 -0.95 -13.53
N LEU A 270 -2.89 -0.94 -14.80
CA LEU A 270 -1.92 0.04 -15.31
C LEU A 270 -2.60 1.31 -15.81
N PHE A 271 -3.80 1.18 -16.37
CA PHE A 271 -4.51 2.35 -16.84
C PHE A 271 -4.77 3.28 -15.66
N LEU A 272 -5.10 2.69 -14.52
CA LEU A 272 -5.37 3.43 -13.30
C LEU A 272 -4.14 4.31 -12.97
N CYS A 273 -2.95 3.72 -13.10
CA CYS A 273 -1.70 4.43 -12.83
C CYS A 273 -1.51 5.61 -13.79
N GLU A 274 -1.75 5.37 -15.08
CA GLU A 274 -1.61 6.41 -16.09
C GLU A 274 -2.56 7.58 -15.86
N ARG A 275 -3.77 7.27 -15.39
CA ARG A 275 -4.76 8.32 -15.12
C ARG A 275 -4.34 9.16 -13.93
N ILE A 276 -3.78 8.50 -12.92
CA ILE A 276 -3.33 9.21 -11.73
C ILE A 276 -2.13 10.08 -12.07
N ALA A 277 -1.11 9.46 -12.68
CA ALA A 277 0.09 10.20 -13.06
C ALA A 277 -0.33 11.40 -13.90
N GLU A 278 -1.36 11.19 -14.70
CA GLU A 278 -1.88 12.24 -15.56
C GLU A 278 -2.41 13.47 -14.81
N CYS A 279 -2.96 13.30 -13.61
CA CYS A 279 -3.46 14.47 -12.90
C CYS A 279 -2.33 15.34 -12.37
N GLY A 280 -1.14 14.77 -12.29
CA GLY A 280 0.02 15.52 -11.84
C GLY A 280 0.17 15.84 -10.36
N ARG A 281 -0.72 15.35 -9.51
CA ARG A 281 -0.62 15.65 -8.09
C ARG A 281 -0.21 14.47 -7.21
N LEU A 282 0.31 13.40 -7.81
CA LEU A 282 0.75 12.25 -7.04
C LEU A 282 1.97 12.69 -6.24
N VAL A 283 1.95 12.45 -4.92
CA VAL A 283 3.07 12.86 -4.08
C VAL A 283 3.81 11.70 -3.41
N ALA A 284 3.22 10.51 -3.43
CA ALA A 284 3.82 9.33 -2.84
C ALA A 284 3.15 8.07 -3.38
N LEU A 285 3.86 6.95 -3.33
CA LEU A 285 3.32 5.68 -3.83
C LEU A 285 3.88 4.49 -3.08
N ASP A 286 3.01 3.55 -2.72
CA ASP A 286 3.44 2.31 -2.07
C ASP A 286 3.07 1.19 -3.05
N VAL A 287 3.94 0.20 -3.19
CA VAL A 287 3.66 -0.96 -4.02
C VAL A 287 3.92 -2.10 -3.04
N VAL A 288 2.85 -2.72 -2.55
CA VAL A 288 2.97 -3.76 -1.55
C VAL A 288 2.43 -5.14 -1.90
N GLU A 289 2.76 -6.09 -1.03
CA GLU A 289 2.32 -7.48 -1.10
C GLU A 289 2.89 -8.40 -2.16
N CYS A 290 4.04 -8.06 -2.76
CA CYS A 290 4.64 -8.98 -3.73
C CYS A 290 5.38 -10.06 -2.94
N ASN A 291 5.01 -11.33 -3.14
CA ASN A 291 5.65 -12.45 -2.44
C ASN A 291 6.10 -13.50 -3.44
N PRO A 292 7.37 -13.42 -3.93
CA PRO A 292 7.98 -14.32 -4.90
C PRO A 292 7.95 -15.80 -4.51
N LEU A 293 7.93 -16.06 -3.21
CA LEU A 293 7.91 -17.43 -2.73
C LEU A 293 6.56 -18.10 -2.97
N LEU A 294 5.48 -17.33 -2.88
CA LEU A 294 4.14 -17.87 -3.11
C LEU A 294 3.84 -17.97 -4.60
N ALA A 295 4.84 -18.37 -5.37
CA ALA A 295 4.67 -18.51 -6.82
C ALA A 295 4.77 -19.99 -7.20
N ALA A 296 3.86 -20.43 -8.06
CA ALA A 296 3.85 -21.82 -8.49
C ALA A 296 5.11 -22.08 -9.30
N THR A 297 5.28 -21.31 -10.37
CA THR A 297 6.45 -21.43 -11.23
C THR A 297 7.24 -20.13 -11.23
N GLU A 298 8.34 -20.10 -11.96
CA GLU A 298 9.16 -18.89 -12.03
C GLU A 298 8.47 -17.85 -12.91
N SER A 299 7.53 -18.33 -13.73
CA SER A 299 6.78 -17.44 -14.60
C SER A 299 5.79 -16.66 -13.74
N HIS A 300 5.45 -17.24 -12.59
CA HIS A 300 4.53 -16.62 -11.62
C HIS A 300 5.28 -15.49 -10.92
N VAL A 301 6.56 -15.74 -10.63
CA VAL A 301 7.40 -14.74 -9.99
C VAL A 301 7.58 -13.55 -10.92
N ASN A 302 8.17 -13.79 -12.09
CA ASN A 302 8.40 -12.74 -13.07
C ASN A 302 7.14 -11.97 -13.43
N ASP A 303 6.01 -12.67 -13.54
CA ASP A 303 4.75 -12.03 -13.88
C ASP A 303 4.29 -11.10 -12.79
N THR A 304 4.59 -11.44 -11.55
CA THR A 304 4.17 -10.62 -10.43
C THR A 304 5.12 -9.45 -10.20
N ILE A 305 6.41 -9.72 -10.20
CA ILE A 305 7.43 -8.69 -10.00
C ILE A 305 7.43 -7.68 -11.15
N SER A 306 7.28 -8.16 -12.38
CA SER A 306 7.26 -7.24 -13.52
C SER A 306 6.05 -6.32 -13.41
N VAL A 307 4.98 -6.80 -12.79
CA VAL A 307 3.77 -5.99 -12.62
C VAL A 307 4.08 -4.86 -11.64
N GLY A 308 4.80 -5.19 -10.57
CA GLY A 308 5.18 -4.19 -9.59
C GLY A 308 5.96 -3.07 -10.25
N CYS A 309 6.94 -3.43 -11.06
CA CYS A 309 7.74 -2.41 -11.75
C CYS A 309 6.91 -1.63 -12.76
N ALA A 310 5.96 -2.30 -13.42
CA ALA A 310 5.09 -1.63 -14.41
C ALA A 310 4.22 -0.56 -13.74
N ILE A 311 3.73 -0.86 -12.54
CA ILE A 311 2.90 0.06 -11.78
C ILE A 311 3.72 1.30 -11.48
N ALA A 312 4.96 1.07 -11.05
CA ALA A 312 5.87 2.17 -10.74
C ALA A 312 6.09 3.04 -11.97
N ARG A 313 6.48 2.40 -13.07
CA ARG A 313 6.74 3.14 -14.29
C ARG A 313 5.53 3.96 -14.75
N CYS A 314 4.35 3.36 -14.73
CA CYS A 314 3.16 4.07 -15.17
C CYS A 314 2.76 5.17 -14.19
N MET A 315 2.95 4.92 -12.90
CA MET A 315 2.62 5.91 -11.90
C MET A 315 3.55 7.10 -12.04
N MET A 316 4.81 6.78 -12.28
CA MET A 316 5.86 7.79 -12.38
C MET A 316 6.08 8.48 -13.73
N GLY A 317 5.11 8.38 -14.64
CA GLY A 317 5.25 9.08 -15.90
C GLY A 317 5.29 8.33 -17.22
N GLU A 318 5.55 7.03 -17.21
CA GLU A 318 5.62 6.29 -18.47
C GLU A 318 4.29 6.21 -19.23
N THR A 319 4.35 6.53 -20.52
CA THR A 319 3.16 6.51 -21.37
C THR A 319 3.39 5.66 -22.63
N LEU A 320 2.30 5.24 -23.27
CA LEU A 320 2.36 4.40 -24.47
C LEU A 320 2.73 5.21 -25.70
N LEU A 321 2.38 6.49 -25.69
CA LEU A 321 2.68 7.37 -26.80
C LEU A 321 3.54 8.55 -26.33
N TYR A 322 3.82 9.45 -27.25
CA TYR A 322 4.66 10.61 -26.95
C TYR A 322 4.10 11.50 -25.84
N THR A 323 4.99 12.01 -24.99
CA THR A 323 4.61 12.92 -23.91
C THR A 323 5.75 13.90 -23.59
#